data_6TF0
#
_entry.id   6TF0
#
_cell.length_a   57.272
_cell.length_b   59.230
_cell.length_c   191.085
_cell.angle_alpha   90.000
_cell.angle_beta   90.000
_cell.angle_gamma   90.000
#
_symmetry.space_group_name_H-M   'I 2 2 2'
#
loop_
_entity.id
_entity.type
_entity.pdbx_description
1 polymer 'Chains: A'
2 non-polymer 'MAGNESIUM ION'
3 non-polymer 'SODIUM ION'
4 non-polymer '1,4-DIHYDRONICOTINAMIDE ADENINE DINUCLEOTIDE'
5 water water
#
_entity_poly.entity_id   1
_entity_poly.type   'polyribonucleotide'
_entity_poly.pdbx_seq_one_letter_code
;GG(CBV)UUCAACAACCCCGUAGGUUGGGCCGAAAGGCAGCGAAUCUACUGGAGCC
;
_entity_poly.pdbx_strand_id   A
#
loop_
_chem_comp.id
_chem_comp.type
_chem_comp.name
_chem_comp.formula
A RNA linking ADENOSINE-5'-MONOPHOSPHATE 'C10 H14 N5 O7 P'
C RNA linking CYTIDINE-5'-MONOPHOSPHATE 'C9 H14 N3 O8 P'
CBV RNA linking '5-BROMOCYTIDINE 5'-(DIHYDROGEN PHOSPHATE)' 'C9 H13 Br N3 O8 P'
G RNA linking GUANOSINE-5'-MONOPHOSPHATE 'C10 H14 N5 O8 P'
MG non-polymer 'MAGNESIUM ION' 'Mg 2'
NA non-polymer 'SODIUM ION' 'Na 1'
NAI non-polymer '1,4-DIHYDRONICOTINAMIDE ADENINE DINUCLEOTIDE' 'C21 H29 N7 O14 P2'
U RNA linking URIDINE-5'-MONOPHOSPHATE 'C9 H13 N2 O9 P'
#
# COMPACT_ATOMS: atom_id res chain seq x y z
P CBV A 3 3.32 -10.04 -10.73
O1P CBV A 3 2.72 -11.44 -10.75
O2P CBV A 3 2.46 -8.81 -10.89
O5' CBV A 3 4.22 -9.78 -9.46
C5' CBV A 3 5.19 -10.74 -9.07
C4' CBV A 3 6.22 -10.21 -8.10
O4' CBV A 3 7.00 -9.14 -8.68
C3' CBV A 3 5.71 -9.62 -6.79
O3' CBV A 3 5.28 -10.60 -5.87
C2' CBV A 3 6.92 -8.83 -6.33
O2' CBV A 3 7.97 -9.70 -5.91
C1' CBV A 3 7.37 -8.24 -7.67
N1 CBV A 3 6.75 -6.93 -7.95
C2 CBV A 3 7.27 -5.82 -7.30
O2 CBV A 3 8.19 -6.01 -6.49
N3 CBV A 3 6.78 -4.59 -7.54
C4 CBV A 3 5.80 -4.44 -8.45
N4 CBV A 3 5.33 -3.20 -8.67
C5 CBV A 3 5.25 -5.61 -9.15
C6 CBV A 3 5.77 -6.84 -8.86
BR CBV A 3 3.86 -5.43 -10.40
H5'1 CBV A 3 4.67 -11.58 -8.61
H5'2 CBV A 3 5.70 -11.09 -9.97
H4' CBV A 3 6.87 -11.06 -7.87
H3' CBV A 3 4.88 -8.93 -7.00
HO3' CBV A 3 4.36 -10.45 -5.65
H2' CBV A 3 6.65 -8.08 -5.58
HO2' CBV A 3 7.85 -9.91 -4.97
H1' CBV A 3 8.47 -8.11 -7.64
HN41 CBV A 3 5.72 -2.46 -8.16
HN42 CBV A 3 4.58 -3.04 -9.34
H6 CBV A 3 5.40 -7.73 -9.35
MG MG B . -7.62 7.55 7.88
MG MG C . -16.48 3.30 2.28
MG MG D . -1.70 -0.35 -6.71
MG MG E . -19.54 -0.95 14.38
MG MG F . -3.51 4.91 8.77
MG MG G . -5.52 -1.44 4.19
MG MG H . -20.13 -19.22 4.85
MG MG I . -29.38 -22.99 6.17
NA NA J . -16.14 3.76 8.32
NA NA K . -32.70 -21.61 15.41
PA NAI L . -0.29 5.89 7.94
O1A NAI L . 0.98 5.00 7.99
O2A NAI L . -1.50 5.06 8.25
O5B NAI L . -0.47 6.51 6.44
C5B NAI L . 0.67 6.56 5.66
C4B NAI L . 0.32 5.79 4.36
O4B NAI L . -0.77 6.35 3.86
C3B NAI L . 1.36 5.89 3.28
O3B NAI L . 2.23 4.85 3.42
C2B NAI L . 0.50 5.73 1.99
O2B NAI L . 0.55 4.31 1.59
C1B NAI L . -0.71 6.07 2.28
N9A NAI L . -1.06 7.26 1.48
C8A NAI L . -0.72 8.52 1.81
N7A NAI L . -1.16 9.34 0.89
C5A NAI L . -1.78 8.63 -0.02
C6A NAI L . -2.42 9.02 -1.17
N6A NAI L . -2.65 10.28 -1.73
N1A NAI L . -2.98 8.13 -1.95
C2A NAI L . -2.92 6.82 -1.60
N3A NAI L . -2.30 6.43 -0.47
C4A NAI L . -1.73 7.36 0.32
O3 NAI L . -0.13 7.16 9.02
PN NAI L . -1.38 7.73 9.98
O1N NAI L . -2.56 6.81 9.83
O2N NAI L . -1.77 9.15 9.51
O5D NAI L . -0.86 7.77 11.56
C5D NAI L . -1.65 7.23 12.54
C4D NAI L . -0.72 6.52 13.58
H51A NAI L . 1.42 6.13 6.11
H52A NAI L . 0.90 7.48 5.46
H4B NAI L . 0.20 4.85 4.56
H3B NAI L . 1.85 6.73 3.28
HO3A NAI L . 2.34 4.69 4.25
H2B NAI L . 0.82 6.33 1.30
HO2A NAI L . 1.26 4.17 1.13
H1B NAI L . -1.34 5.35 2.09
H8A NAI L . -0.31 9.14 2.37
H61A NAI L . -2.41 11.00 -1.31
H62A NAI L . -3.05 10.35 -2.49
H2A NAI L . -3.32 6.18 -2.15
H51N NAI L . -2.15 7.93 12.98
H52N NAI L . -2.24 6.58 12.15
H4D NAI L . 0.18 6.44 13.25
#